data_4ZY8
#
_entry.id   4ZY8
#
_cell.length_a   120.703
_cell.length_b   120.703
_cell.length_c   93.285
_cell.angle_alpha   90.00
_cell.angle_beta   90.00
_cell.angle_gamma   90.00
#
_symmetry.space_group_name_H-M   'P 42 21 2'
#
loop_
_entity.id
_entity.type
_entity.pdbx_description
1 polymer 'Protein LST4'
2 water water
#
_entity_poly.entity_id   1
_entity_poly.type   'polypeptide(L)'
_entity_poly.pdbx_seq_one_letter_code
;MGNDRLHNGGFRLIISQELGHVTSRNNYQVVLDHSSVNFHTGAHIPLNELKDYIFGSSIRTIDYSASSDKIKVVKSANIV
LFTRIFYLNEKSTLRIAISCCVTDDVLPVLTECWPHISSFLDQCENTLLKYLAKNDTQFLPHDWKARNCIEVAAVLQTFQ
RKIIPLLSGYSLEGSHHHHHH
;
_entity_poly.pdbx_strand_id   C,A,B,D
#
# COMPACT_ATOMS: atom_id res chain seq x y z
N GLY A 9 29.95 -3.01 -1.47
CA GLY A 9 29.29 -2.85 -2.73
C GLY A 9 28.78 -1.45 -2.69
N GLY A 10 28.37 -0.87 -3.81
CA GLY A 10 27.93 0.51 -3.78
C GLY A 10 26.59 0.73 -3.14
N PHE A 11 26.40 1.91 -2.59
CA PHE A 11 25.14 2.31 -1.96
C PHE A 11 24.98 3.82 -1.85
N ARG A 12 23.75 4.25 -1.71
CA ARG A 12 23.48 5.64 -1.41
C ARG A 12 22.54 5.72 -0.21
N LEU A 13 22.98 6.42 0.83
CA LEU A 13 22.19 6.56 2.04
C LEU A 13 21.61 7.95 2.14
N ILE A 14 20.30 8.06 2.22
CA ILE A 14 19.65 9.32 2.46
C ILE A 14 18.89 9.34 3.76
N ILE A 15 19.19 10.30 4.63
CA ILE A 15 18.37 10.53 5.80
C ILE A 15 17.61 11.81 5.52
N SER A 16 16.28 11.74 5.57
CA SER A 16 15.47 12.92 5.28
C SER A 16 14.28 12.98 6.23
N GLN A 17 13.62 14.14 6.27
CA GLN A 17 12.40 14.29 7.06
C GLN A 17 11.36 15.28 6.53
N GLU A 18 10.09 15.10 6.93
CA GLU A 18 9.01 16.04 6.62
C GLU A 18 9.01 17.23 7.56
N LEU A 19 8.58 18.37 7.05
CA LEU A 19 8.35 19.53 7.87
C LEU A 19 6.91 19.85 7.64
N TYR A 28 9.92 18.82 2.74
CA TYR A 28 10.94 17.81 3.00
C TYR A 28 12.37 18.38 3.03
N GLN A 29 13.17 17.93 3.96
CA GLN A 29 14.56 18.35 4.13
C GLN A 29 15.53 17.15 4.08
N VAL A 30 16.61 17.24 3.31
CA VAL A 30 17.64 16.21 3.31
C VAL A 30 18.71 16.49 4.36
N VAL A 31 18.88 15.55 5.28
CA VAL A 31 19.78 15.67 6.43
C VAL A 31 21.15 15.09 6.07
N LEU A 32 21.14 13.96 5.39
CA LEU A 32 22.36 13.32 4.92
C LEU A 32 22.11 12.73 3.54
N ASP A 33 23.07 12.87 2.66
CA ASP A 33 23.04 12.19 1.41
C ASP A 33 24.43 11.74 1.09
N HIS A 34 24.65 10.45 1.19
CA HIS A 34 25.98 9.88 1.10
C HIS A 34 26.01 8.76 0.09
N SER A 35 26.79 8.94 -0.95
CA SER A 35 27.04 7.90 -1.91
C SER A 35 28.40 7.35 -1.69
N SER A 36 28.56 6.06 -1.85
CA SER A 36 29.85 5.46 -1.62
C SER A 36 30.70 5.75 -2.83
N VAL A 37 32.01 5.81 -2.61
CA VAL A 37 32.98 5.92 -3.70
C VAL A 37 32.62 4.91 -4.77
N ASN A 38 32.28 3.72 -4.28
CA ASN A 38 31.87 2.61 -5.11
C ASN A 38 30.66 2.85 -6.03
N PHE A 39 29.87 3.89 -5.77
CA PHE A 39 28.55 4.04 -6.39
C PHE A 39 28.55 4.83 -7.68
N HIS A 44 23.62 9.93 -8.26
CA HIS A 44 22.89 8.97 -9.07
C HIS A 44 21.63 9.64 -9.59
N ILE A 45 20.54 9.16 -9.03
CA ILE A 45 19.17 9.49 -9.35
C ILE A 45 18.74 10.78 -8.67
N PRO A 46 17.90 11.54 -9.36
CA PRO A 46 17.49 12.87 -8.90
C PRO A 46 16.89 12.86 -7.51
N LEU A 47 17.13 13.92 -6.76
CA LEU A 47 16.59 14.05 -5.45
C LEU A 47 15.11 14.22 -5.41
N ASN A 48 14.53 14.78 -6.44
CA ASN A 48 13.09 14.98 -6.44
C ASN A 48 12.31 13.71 -6.73
N GLU A 49 12.93 12.81 -7.46
CA GLU A 49 12.33 11.52 -7.75
C GLU A 49 12.40 10.68 -6.47
N LEU A 50 13.48 10.81 -5.71
CA LEU A 50 13.61 10.05 -4.47
C LEU A 50 12.63 10.49 -3.40
N LYS A 51 12.45 11.81 -3.22
CA LYS A 51 11.48 12.34 -2.25
C LYS A 51 10.11 11.72 -2.47
N ASP A 52 9.79 11.50 -3.75
CA ASP A 52 8.51 10.93 -4.15
C ASP A 52 8.46 9.43 -3.81
N TYR A 53 9.54 8.70 -4.07
CA TYR A 53 9.60 7.29 -3.70
C TYR A 53 9.59 7.08 -2.19
N ILE A 54 10.23 7.97 -1.45
CA ILE A 54 10.32 7.85 0.00
C ILE A 54 9.07 8.30 0.70
N PHE A 55 8.59 9.48 0.40
CA PHE A 55 7.40 9.98 1.04
C PHE A 55 6.18 9.90 0.11
N GLY A 56 6.33 9.33 -1.05
CA GLY A 56 5.20 9.29 -1.95
C GLY A 56 4.25 8.20 -1.51
N SER A 58 1.11 6.61 -2.41
CA SER A 58 0.92 5.34 -3.11
C SER A 58 -0.44 4.73 -2.80
N ILE A 59 -1.12 4.27 -3.84
CA ILE A 59 -2.47 3.71 -3.73
C ILE A 59 -2.48 2.19 -3.55
N ARG A 60 -1.32 1.58 -3.41
CA ARG A 60 -1.25 0.12 -3.31
C ARG A 60 -1.09 -0.30 -1.85
N THR A 61 -0.44 0.55 -1.06
CA THR A 61 -0.24 0.30 0.36
C THR A 61 -1.17 1.19 1.20
N ILE A 62 -1.72 0.61 2.26
CA ILE A 62 -2.55 1.37 3.21
C ILE A 62 -1.71 2.31 4.09
N ASP A 63 -2.12 3.55 4.23
CA ASP A 63 -1.39 4.46 5.08
C ASP A 63 -1.88 4.42 6.54
N TYR A 64 -1.04 3.93 7.42
CA TYR A 64 -1.47 3.72 8.77
C TYR A 64 -0.97 4.76 9.71
N SER A 65 -0.21 5.71 9.22
CA SER A 65 0.50 6.56 10.14
C SER A 65 1.18 5.71 11.21
N ALA A 66 2.00 4.74 10.83
CA ALA A 66 2.85 3.97 11.75
C ALA A 66 4.30 3.82 11.26
N SER A 67 5.21 3.34 12.13
CA SER A 67 6.64 3.07 11.78
C SER A 67 6.87 1.84 10.92
N SER A 68 7.41 2.02 9.73
CA SER A 68 7.47 0.93 8.77
C SER A 68 8.66 0.86 7.84
N ASP A 69 8.65 -0.20 7.05
CA ASP A 69 9.70 -0.51 6.11
C ASP A 69 9.11 -0.76 4.73
N LYS A 70 9.74 -0.21 3.71
CA LYS A 70 9.27 -0.35 2.34
C LYS A 70 10.45 -0.70 1.46
N ILE A 71 10.23 -1.61 0.53
CA ILE A 71 11.20 -1.93 -0.50
C ILE A 71 10.58 -1.67 -1.87
N LYS A 72 11.21 -0.83 -2.67
CA LYS A 72 10.73 -0.47 -4.01
C LYS A 72 11.80 -0.66 -5.07
N VAL A 73 11.40 -1.00 -6.29
CA VAL A 73 12.37 -1.16 -7.37
C VAL A 73 12.32 0.03 -8.34
N VAL A 74 13.42 0.77 -8.43
CA VAL A 74 13.45 1.90 -9.34
C VAL A 74 13.93 1.31 -10.67
N LYS A 75 13.00 1.02 -11.58
CA LYS A 75 13.32 0.28 -12.80
C LYS A 75 14.22 1.14 -13.68
N SER A 76 13.98 2.44 -13.63
CA SER A 76 14.71 3.42 -14.44
C SER A 76 16.19 3.49 -14.13
N ALA A 77 16.64 2.83 -13.06
CA ALA A 77 18.04 2.92 -12.62
C ALA A 77 18.68 1.61 -12.13
N ASN A 78 18.00 0.48 -12.34
CA ASN A 78 18.49 -0.83 -11.90
C ASN A 78 18.82 -0.83 -10.39
N ILE A 79 17.98 -0.15 -9.63
CA ILE A 79 18.24 0.08 -8.22
C ILE A 79 17.08 -0.38 -7.35
N VAL A 80 17.40 -0.89 -6.17
CA VAL A 80 16.37 -1.16 -5.17
C VAL A 80 16.53 -0.15 -4.05
N LEU A 81 15.42 0.41 -3.59
CA LEU A 81 15.41 1.40 -2.51
C LEU A 81 14.71 0.83 -1.29
N PHE A 82 15.42 0.72 -0.16
CA PHE A 82 14.72 0.30 1.05
C PHE A 82 14.73 1.42 2.10
N THR A 83 13.55 1.64 2.67
CA THR A 83 13.29 2.79 3.52
C THR A 83 12.66 2.43 4.86
N ARG A 84 13.26 2.91 5.94
CA ARG A 84 12.63 2.89 7.26
C ARG A 84 12.04 4.27 7.50
N ILE A 85 10.73 4.33 7.73
CA ILE A 85 10.13 5.63 7.96
C ILE A 85 9.41 5.56 9.33
N PHE A 86 9.57 6.59 10.14
CA PHE A 86 9.03 6.59 11.50
C PHE A 86 8.66 7.98 11.96
N TYR A 87 7.88 8.06 13.03
CA TYR A 87 7.46 9.31 13.61
C TYR A 87 8.29 9.68 14.83
N LEU A 88 8.45 10.97 15.10
CA LEU A 88 9.19 11.38 16.28
C LEU A 88 8.56 10.84 17.53
N ASN A 89 7.26 10.86 17.59
CA ASN A 89 6.55 10.37 18.74
C ASN A 89 5.07 10.19 18.41
N GLU A 90 4.30 9.75 19.40
CA GLU A 90 2.88 9.47 19.26
C GLU A 90 2.11 10.67 18.75
N LYS A 91 2.51 11.84 19.25
CA LYS A 91 1.78 13.06 18.99
C LYS A 91 2.12 13.67 17.65
N SER A 92 3.21 13.20 17.03
CA SER A 92 3.71 13.88 15.83
C SER A 92 3.09 13.38 14.54
N THR A 93 2.95 14.29 13.58
CA THR A 93 2.45 13.93 12.26
C THR A 93 3.60 13.93 11.23
N LEU A 94 4.77 14.34 11.67
CA LEU A 94 5.94 14.46 10.79
C LEU A 94 6.78 13.19 10.74
N ARG A 95 7.24 12.82 9.55
CA ARG A 95 7.98 11.57 9.39
C ARG A 95 9.47 11.80 9.14
N ILE A 96 10.28 10.88 9.67
CA ILE A 96 11.70 10.82 9.36
C ILE A 96 11.95 9.56 8.56
N ALA A 97 12.79 9.65 7.54
CA ALA A 97 13.10 8.48 6.74
C ALA A 97 14.60 8.19 6.69
N ILE A 98 14.92 6.91 6.79
CA ILE A 98 16.26 6.42 6.54
C ILE A 98 16.16 5.53 5.31
N SER A 99 16.71 5.99 4.18
CA SER A 99 16.53 5.28 2.91
C SER A 99 17.86 4.90 2.28
N CYS A 100 17.89 3.75 1.62
CA CYS A 100 19.12 3.29 1.03
C CYS A 100 18.92 2.74 -0.38
N CYS A 101 19.74 3.20 -1.33
CA CYS A 101 19.73 2.65 -2.69
C CYS A 101 20.85 1.63 -2.84
N VAL A 102 20.53 0.49 -3.41
CA VAL A 102 21.51 -0.49 -3.83
C VAL A 102 21.11 -1.07 -5.19
N THR A 103 22.04 -1.78 -5.82
CA THR A 103 21.78 -2.47 -7.08
C THR A 103 20.64 -3.48 -6.93
N ASP A 104 19.78 -3.55 -7.92
CA ASP A 104 18.63 -4.40 -7.80
C ASP A 104 18.96 -5.88 -7.67
N ASP A 105 20.18 -6.27 -7.95
CA ASP A 105 20.52 -7.67 -7.80
C ASP A 105 20.96 -8.07 -6.41
N VAL A 106 20.93 -7.11 -5.50
CA VAL A 106 21.08 -7.35 -4.08
C VAL A 106 19.76 -7.80 -3.42
N LEU A 107 18.64 -7.61 -4.14
CA LEU A 107 17.32 -7.89 -3.57
C LEU A 107 17.19 -9.30 -2.96
N PRO A 108 17.74 -10.35 -3.62
CA PRO A 108 17.64 -11.66 -2.95
C PRO A 108 18.34 -11.73 -1.57
N VAL A 109 19.51 -11.13 -1.45
CA VAL A 109 20.24 -11.14 -0.18
C VAL A 109 19.58 -10.21 0.85
N LEU A 110 19.16 -9.05 0.38
CA LEU A 110 18.44 -8.10 1.19
C LEU A 110 17.22 -8.77 1.82
N THR A 111 16.49 -9.57 1.05
CA THR A 111 15.29 -10.19 1.57
C THR A 111 15.66 -11.40 2.44
N GLU A 112 16.72 -12.12 2.08
CA GLU A 112 17.19 -13.24 2.90
C GLU A 112 17.69 -12.79 4.28
N CYS A 113 18.36 -11.64 4.31
CA CYS A 113 18.97 -11.13 5.54
CA CYS A 113 18.98 -11.04 5.49
C CYS A 113 18.08 -10.12 6.26
N TRP A 114 16.84 -9.93 5.79
CA TRP A 114 16.00 -8.83 6.29
C TRP A 114 15.87 -8.78 7.82
N PRO A 115 15.73 -9.94 8.50
CA PRO A 115 15.64 -9.81 9.97
C PRO A 115 16.89 -9.14 10.56
N HIS A 116 18.06 -9.34 9.96
CA HIS A 116 19.26 -8.66 10.43
C HIS A 116 19.20 -7.16 10.12
N ILE A 117 18.85 -6.83 8.89
CA ILE A 117 18.83 -5.45 8.44
C ILE A 117 17.80 -4.64 9.25
N SER A 118 16.61 -5.21 9.41
CA SER A 118 15.53 -4.56 10.16
C SER A 118 15.93 -4.26 11.60
N SER A 119 16.63 -5.19 12.21
CA SER A 119 17.14 -4.94 13.56
C SER A 119 18.22 -3.81 13.59
N PHE A 120 19.09 -3.75 12.59
CA PHE A 120 20.06 -2.65 12.53
C PHE A 120 19.37 -1.30 12.25
N LEU A 121 18.31 -1.33 11.44
CA LEU A 121 17.54 -0.12 11.19
C LEU A 121 16.87 0.35 12.47
N ASP A 122 16.42 -0.57 13.32
CA ASP A 122 15.88 -0.23 14.61
C ASP A 122 16.87 0.57 15.42
N GLN A 123 18.12 0.13 15.48
CA GLN A 123 19.15 0.87 16.22
C GLN A 123 19.31 2.27 15.60
N CYS A 124 19.34 2.35 14.28
CA CYS A 124 19.45 3.67 13.59
C CYS A 124 18.29 4.60 13.95
N GLU A 125 17.08 4.05 13.96
CA GLU A 125 15.89 4.79 14.38
C GLU A 125 16.03 5.25 15.84
N ASN A 126 16.43 4.37 16.76
CA ASN A 126 16.69 4.79 18.15
C ASN A 126 17.69 5.93 18.27
N THR A 127 18.71 5.90 17.42
CA THR A 127 19.80 6.87 17.51
C THR A 127 19.34 8.29 17.14
N LEU A 128 18.62 8.37 16.03
CA LEU A 128 18.09 9.66 15.56
C LEU A 128 17.03 10.20 16.54
N LEU A 129 16.22 9.31 17.12
CA LEU A 129 15.23 9.75 18.10
C LEU A 129 15.87 10.31 19.35
N LYS A 130 16.98 9.72 19.77
CA LYS A 130 17.72 10.23 20.93
C LYS A 130 18.31 11.61 20.70
N TYR A 131 18.72 11.89 19.47
CA TYR A 131 19.17 13.22 19.10
C TYR A 131 18.08 14.22 19.32
N LEU A 132 16.89 13.88 18.89
CA LEU A 132 15.74 14.77 19.01
C LEU A 132 15.42 15.04 20.49
N ALA A 133 15.53 14.00 21.32
CA ALA A 133 15.36 14.10 22.76
C ALA A 133 16.46 14.94 23.41
N LYS A 134 17.66 14.87 22.90
CA LYS A 134 18.75 15.60 23.47
C LYS A 134 18.43 17.05 23.32
N ASN A 135 18.07 17.43 22.12
CA ASN A 135 17.93 18.82 21.75
C ASN A 135 16.52 19.38 21.89
N ASP A 136 15.61 18.59 22.47
CA ASP A 136 14.23 19.02 22.69
C ASP A 136 13.65 19.68 21.45
N THR A 137 13.91 19.06 20.30
CA THR A 137 13.52 19.61 19.01
C THR A 137 12.79 18.57 18.17
N GLN A 138 12.20 19.01 17.08
CA GLN A 138 11.59 18.07 16.16
C GLN A 138 12.41 17.94 14.91
N PHE A 139 13.54 18.58 14.88
CA PHE A 139 14.33 18.62 13.67
C PHE A 139 15.79 18.22 13.73
N LEU A 140 16.17 17.39 12.79
CA LEU A 140 17.56 17.00 12.60
C LEU A 140 18.30 18.19 11.98
N PRO A 141 19.61 18.30 12.23
CA PRO A 141 20.38 19.36 11.59
C PRO A 141 20.54 19.09 10.10
N HIS A 142 20.68 20.10 9.25
CA HIS A 142 20.99 19.82 7.84
C HIS A 142 22.46 20.09 7.57
N ASP A 143 23.17 20.50 8.61
CA ASP A 143 24.61 20.75 8.56
C ASP A 143 25.27 19.98 9.71
N TRP A 144 25.05 18.67 9.65
CA TRP A 144 25.42 17.72 10.68
C TRP A 144 26.88 17.62 10.85
N ASN A 148 29.04 18.68 13.82
CA ASN A 148 29.61 17.45 14.37
C ASN A 148 28.60 16.51 15.03
N CYS A 149 27.57 16.09 14.30
CA CYS A 149 26.50 15.33 14.90
C CYS A 149 26.82 13.86 14.99
N ILE A 150 27.18 13.39 16.16
CA ILE A 150 27.61 12.00 16.26
C ILE A 150 26.47 11.01 15.96
N GLU A 151 25.23 11.40 16.25
CA GLU A 151 24.08 10.51 16.04
C GLU A 151 23.89 10.21 14.55
N VAL A 152 24.02 11.23 13.70
CA VAL A 152 23.95 11.01 12.26
C VAL A 152 25.15 10.21 11.74
N ALA A 153 26.35 10.52 12.23
CA ALA A 153 27.52 9.76 11.84
C ALA A 153 27.40 8.29 12.27
N ALA A 154 26.83 8.04 13.43
CA ALA A 154 26.65 6.67 13.92
C ALA A 154 25.76 5.85 12.95
N VAL A 155 24.71 6.49 12.43
CA VAL A 155 23.85 5.83 11.44
C VAL A 155 24.60 5.47 10.15
N LEU A 156 25.39 6.43 9.64
CA LEU A 156 26.22 6.17 8.46
C LEU A 156 27.15 5.00 8.72
N GLN A 157 27.73 4.99 9.89
CA GLN A 157 28.66 3.97 10.23
C GLN A 157 28.01 2.59 10.35
N THR A 158 26.80 2.53 10.85
CA THR A 158 26.05 1.27 10.89
C THR A 158 25.81 0.73 9.49
N PHE A 159 25.54 1.61 8.52
CA PHE A 159 25.40 1.16 7.13
C PHE A 159 26.73 0.69 6.54
N GLN A 160 27.79 1.45 6.80
CA GLN A 160 29.11 1.13 6.26
C GLN A 160 29.67 -0.17 6.81
N ARG A 161 29.47 -0.37 8.11
CA ARG A 161 30.10 -1.49 8.81
C ARG A 161 29.22 -2.72 8.99
N LYS A 162 27.91 -2.54 9.03
CA LYS A 162 27.03 -3.66 9.28
C LYS A 162 26.06 -3.98 8.18
N ILE A 163 25.26 -3.04 7.77
CA ILE A 163 24.25 -3.37 6.79
C ILE A 163 24.82 -3.68 5.39
N ILE A 164 25.60 -2.76 4.83
CA ILE A 164 26.04 -2.92 3.46
C ILE A 164 26.99 -4.12 3.31
N PRO A 165 27.91 -4.35 4.26
CA PRO A 165 28.74 -5.57 4.15
C PRO A 165 27.94 -6.87 4.06
N LEU A 166 26.83 -6.96 4.78
CA LEU A 166 25.97 -8.15 4.74
C LEU A 166 25.33 -8.36 3.37
N LEU A 167 25.14 -7.28 2.63
CA LEU A 167 24.52 -7.34 1.32
C LEU A 167 25.60 -7.44 0.26
N SER A 168 26.82 -7.65 0.74
CA SER A 168 28.07 -7.66 -0.04
C SER A 168 28.27 -6.33 -0.73
N GLY B 10 2.48 11.99 -23.37
CA GLY B 10 2.64 11.90 -21.94
C GLY B 10 1.81 12.88 -21.13
N PHE B 11 1.19 12.43 -20.05
CA PHE B 11 0.39 13.30 -19.20
C PHE B 11 0.21 12.84 -17.76
N ARG B 12 -0.19 13.74 -16.89
CA ARG B 12 -0.57 13.36 -15.55
C ARG B 12 -1.95 13.92 -15.20
N LEU B 13 -2.87 13.03 -14.86
CA LEU B 13 -4.24 13.39 -14.52
C LEU B 13 -4.49 13.33 -13.03
N ILE B 14 -4.93 14.45 -12.47
CA ILE B 14 -5.25 14.53 -11.05
C ILE B 14 -6.71 14.96 -10.86
N ILE B 15 -7.50 14.13 -10.19
CA ILE B 15 -8.84 14.49 -9.75
C ILE B 15 -8.72 14.68 -8.24
N SER B 16 -9.16 15.85 -7.77
CA SER B 16 -9.09 16.11 -6.34
C SER B 16 -10.30 16.93 -5.93
N GLN B 17 -10.53 17.05 -4.63
CA GLN B 17 -11.59 17.95 -4.17
C GLN B 17 -11.26 18.58 -2.83
N GLU B 18 -11.86 19.73 -2.59
CA GLU B 18 -11.78 20.37 -1.28
C GLU B 18 -12.76 19.69 -0.36
N LEU B 19 -12.52 19.85 0.92
CA LEU B 19 -13.37 19.29 1.91
C LEU B 19 -13.88 20.38 2.82
N ASN B 27 -8.69 21.49 3.77
CA ASN B 27 -8.29 20.13 3.57
C ASN B 27 -8.65 19.63 2.17
N TYR B 28 -7.77 18.82 1.61
CA TYR B 28 -7.88 18.32 0.25
C TYR B 28 -7.72 16.82 0.16
N GLN B 29 -8.50 16.18 -0.69
CA GLN B 29 -8.42 14.78 -0.89
C GLN B 29 -8.06 14.53 -2.34
N VAL B 30 -7.13 13.64 -2.59
CA VAL B 30 -6.80 13.24 -3.94
C VAL B 30 -7.62 11.99 -4.27
N VAL B 31 -8.40 12.07 -5.35
CA VAL B 31 -9.27 10.98 -5.75
C VAL B 31 -8.54 10.04 -6.74
N LEU B 32 -7.84 10.65 -7.68
CA LEU B 32 -7.09 9.93 -8.73
C LEU B 32 -5.79 10.64 -9.02
N ASP B 33 -4.71 9.87 -9.21
CA ASP B 33 -3.45 10.46 -9.66
C ASP B 33 -2.80 9.48 -10.62
N HIS B 34 -2.92 9.78 -11.91
CA HIS B 34 -2.51 8.87 -12.94
C HIS B 34 -1.50 9.55 -13.85
N SER B 35 -0.30 8.98 -13.90
CA SER B 35 0.72 9.44 -14.85
C SER B 35 0.84 8.37 -15.94
N SER B 36 0.92 8.79 -17.19
CA SER B 36 1.05 7.84 -18.28
C SER B 36 2.46 7.23 -18.29
N VAL B 37 2.63 6.11 -18.97
CA VAL B 37 3.89 5.35 -18.98
C VAL B 37 5.12 6.21 -19.26
N ASN B 38 5.09 6.91 -20.39
CA ASN B 38 6.20 7.79 -20.77
C ASN B 38 5.98 9.22 -20.29
N PHE B 39 6.21 9.45 -19.00
CA PHE B 39 6.00 10.76 -18.42
C PHE B 39 6.81 10.94 -17.14
N ALA B 43 5.85 14.72 -13.39
CA ALA B 43 5.48 13.38 -12.93
C ALA B 43 5.78 13.17 -11.44
N HIS B 44 6.81 13.85 -10.95
CA HIS B 44 7.15 13.77 -9.53
C HIS B 44 6.98 15.14 -8.88
N ILE B 45 6.21 16.02 -9.50
CA ILE B 45 5.91 17.29 -8.86
C ILE B 45 5.09 17.01 -7.61
N PRO B 46 5.55 17.54 -6.47
CA PRO B 46 4.96 17.38 -5.15
C PRO B 46 3.51 17.85 -5.10
N LEU B 47 2.63 16.99 -4.63
CA LEU B 47 1.22 17.32 -4.60
C LEU B 47 0.90 18.56 -3.84
N ASN B 48 1.57 18.80 -2.74
CA ASN B 48 1.29 19.98 -1.96
C ASN B 48 1.62 21.20 -2.76
N GLU B 49 2.50 21.05 -3.74
CA GLU B 49 2.81 22.13 -4.64
C GLU B 49 1.68 22.34 -5.65
N LEU B 50 1.17 21.26 -6.18
CA LEU B 50 0.14 21.35 -7.16
C LEU B 50 -1.12 21.94 -6.55
N LYS B 51 -1.43 21.52 -5.34
CA LYS B 51 -2.65 21.92 -4.64
C LYS B 51 -2.89 23.42 -4.66
N ASP B 52 -1.79 24.17 -4.56
CA ASP B 52 -1.81 25.62 -4.55
C ASP B 52 -2.15 26.15 -5.93
N TYR B 53 -1.58 25.50 -6.95
CA TYR B 53 -1.86 25.89 -8.32
C TYR B 53 -3.31 25.58 -8.65
N ILE B 54 -3.77 24.43 -8.20
CA ILE B 54 -5.08 23.95 -8.51
C ILE B 54 -6.15 24.72 -7.77
N PHE B 55 -6.05 24.78 -6.45
CA PHE B 55 -7.05 25.47 -5.66
C PHE B 55 -6.69 26.90 -5.26
N GLY B 56 -5.93 27.09 -4.20
CA GLY B 56 -5.64 28.41 -3.69
C GLY B 56 -5.08 29.36 -4.71
N SER B 58 -4.99 32.60 -4.93
CA SER B 58 -5.70 33.56 -4.10
C SER B 58 -7.17 33.62 -4.50
N ILE B 59 -7.91 34.67 -4.14
CA ILE B 59 -9.37 34.62 -4.31
C ILE B 59 -10.06 35.84 -4.94
N ARG B 60 -10.58 35.59 -6.12
CA ARG B 60 -11.19 36.59 -6.95
C ARG B 60 -12.60 36.12 -7.30
N THR B 61 -13.40 36.99 -7.89
CA THR B 61 -14.83 36.68 -8.10
C THR B 61 -14.98 35.57 -9.13
N ILE B 62 -14.02 35.47 -10.04
CA ILE B 62 -14.00 34.39 -10.99
C ILE B 62 -13.97 33.01 -10.33
N ASP B 63 -13.43 32.92 -9.13
CA ASP B 63 -13.36 31.65 -8.41
C ASP B 63 -14.73 31.23 -7.86
N TYR B 64 -15.75 32.06 -7.99
CA TYR B 64 -17.09 31.71 -7.48
C TYR B 64 -18.08 31.32 -8.59
N SER B 65 -17.57 31.22 -9.82
CA SER B 65 -18.32 30.67 -10.96
C SER B 65 -18.61 29.21 -10.69
N ALA B 66 -19.77 28.74 -11.15
CA ALA B 66 -20.13 27.35 -10.94
C ALA B 66 -19.08 26.41 -11.54
N SER B 67 -18.50 26.81 -12.66
CA SER B 67 -17.51 25.99 -13.36
C SER B 67 -16.56 26.89 -14.10
N SER B 68 -15.26 26.65 -13.97
CA SER B 68 -14.29 27.44 -14.70
C SER B 68 -13.00 26.64 -15.02
N ASP B 69 -12.16 27.27 -15.83
CA ASP B 69 -10.98 26.63 -16.37
C ASP B 69 -9.79 27.53 -16.14
N LYS B 70 -8.65 26.93 -15.78
CA LYS B 70 -7.43 27.66 -15.50
C LYS B 70 -6.24 26.98 -16.18
N ILE B 71 -5.33 27.78 -16.71
CA ILE B 71 -4.06 27.30 -17.24
C ILE B 71 -2.90 27.96 -16.53
N LYS B 72 -2.00 27.14 -15.99
CA LYS B 72 -0.83 27.63 -15.29
C LYS B 72 0.42 26.96 -15.86
N VAL B 73 1.47 27.74 -16.08
CA VAL B 73 2.74 27.17 -16.47
C VAL B 73 3.58 26.95 -15.22
N VAL B 74 4.08 25.73 -15.05
CA VAL B 74 4.96 25.40 -13.95
C VAL B 74 6.41 25.43 -14.45
N LYS B 75 7.11 26.52 -14.16
CA LYS B 75 8.43 26.74 -14.78
C LYS B 75 9.48 25.72 -14.31
N SER B 76 9.43 25.35 -13.04
CA SER B 76 10.43 24.45 -12.48
C SER B 76 10.43 23.06 -13.12
N ALA B 77 9.40 22.75 -13.91
CA ALA B 77 9.26 21.40 -14.44
C ALA B 77 8.87 21.37 -15.93
N ASN B 78 8.89 22.53 -16.58
CA ASN B 78 8.57 22.65 -18.01
C ASN B 78 7.24 22.00 -18.42
N ILE B 79 6.23 22.24 -17.62
CA ILE B 79 4.96 21.62 -17.81
C ILE B 79 3.89 22.68 -17.78
N VAL B 80 2.78 22.41 -18.43
CA VAL B 80 1.62 23.23 -18.30
C VAL B 80 0.53 22.45 -17.57
N LEU B 81 -0.14 23.11 -16.64
CA LEU B 81 -1.20 22.50 -15.85
C LEU B 81 -2.53 23.13 -16.26
N PHE B 82 -3.46 22.34 -16.79
CA PHE B 82 -4.78 22.91 -17.05
C PHE B 82 -5.83 22.24 -16.18
N THR B 83 -6.70 23.06 -15.60
CA THR B 83 -7.63 22.64 -14.56
C THR B 83 -9.08 23.03 -14.84
N ARG B 84 -9.98 22.06 -14.76
CA ARG B 84 -11.41 22.31 -14.70
C ARG B 84 -11.82 22.24 -13.23
N ILE B 85 -12.37 23.32 -12.70
CA ILE B 85 -12.76 23.31 -11.29
C ILE B 85 -14.20 23.76 -11.14
N PHE B 86 -14.97 23.04 -10.33
CA PHE B 86 -16.40 23.32 -10.21
C PHE B 86 -16.95 23.03 -8.81
N TYR B 87 -18.06 23.68 -8.46
CA TYR B 87 -18.70 23.45 -7.16
C TYR B 87 -19.63 22.29 -7.31
N LEU B 88 -19.91 21.60 -6.20
CA LEU B 88 -20.86 20.49 -6.18
C LEU B 88 -22.24 20.95 -6.64
N ASN B 89 -22.64 22.14 -6.20
CA ASN B 89 -23.91 22.77 -6.59
C ASN B 89 -23.90 24.22 -6.12
N GLU B 90 -25.00 24.92 -6.37
CA GLU B 90 -25.14 26.32 -6.03
C GLU B 90 -25.00 26.57 -4.53
N LYS B 91 -25.47 25.66 -3.72
CA LYS B 91 -25.46 25.85 -2.27
C LYS B 91 -24.16 25.39 -1.64
N SER B 92 -23.33 24.68 -2.42
CA SER B 92 -22.15 24.07 -1.87
C SER B 92 -20.93 24.98 -1.93
N THR B 93 -20.04 24.80 -0.97
CA THR B 93 -18.82 25.56 -0.91
C THR B 93 -17.64 24.66 -1.31
N LEU B 94 -17.92 23.38 -1.54
CA LEU B 94 -16.88 22.43 -1.89
C LEU B 94 -16.63 22.39 -3.38
N ARG B 95 -15.35 22.38 -3.75
CA ARG B 95 -14.98 22.33 -5.16
C ARG B 95 -14.29 21.04 -5.51
N ILE B 96 -14.56 20.57 -6.72
CA ILE B 96 -13.86 19.44 -7.31
C ILE B 96 -13.01 19.94 -8.46
N ALA B 97 -11.82 19.39 -8.61
CA ALA B 97 -10.89 19.80 -9.66
C ALA B 97 -10.47 18.63 -10.51
N ILE B 98 -10.46 18.84 -11.82
CA ILE B 98 -9.92 17.87 -12.76
C ILE B 98 -8.75 18.55 -13.40
N SER B 99 -7.56 18.11 -13.04
CA SER B 99 -6.35 18.82 -13.46
C SER B 99 -5.47 17.90 -14.27
N CYS B 100 -4.74 18.48 -15.22
CA CYS B 100 -3.88 17.70 -16.11
C CYS B 100 -2.55 18.38 -16.37
N CYS B 101 -1.44 17.64 -16.16
CA CYS B 101 -0.10 18.12 -16.54
C CYS B 101 0.34 17.53 -17.88
N VAL B 102 0.78 18.39 -18.79
CA VAL B 102 1.42 17.96 -20.02
C VAL B 102 2.61 18.89 -20.28
N THR B 103 3.47 18.52 -21.21
CA THR B 103 4.63 19.33 -21.55
C THR B 103 4.23 20.71 -21.97
N ASP B 104 5.03 21.68 -21.60
CA ASP B 104 4.79 23.08 -21.92
C ASP B 104 4.79 23.43 -23.42
N ASP B 105 5.40 22.59 -24.21
CA ASP B 105 5.42 22.78 -25.63
C ASP B 105 4.05 22.58 -26.24
N VAL B 106 3.13 22.06 -25.45
CA VAL B 106 1.78 21.72 -25.94
C VAL B 106 0.87 22.94 -25.94
N LEU B 107 1.29 23.99 -25.25
CA LEU B 107 0.45 25.17 -25.03
C LEU B 107 -0.21 25.78 -26.31
N PRO B 108 0.55 25.91 -27.41
CA PRO B 108 -0.13 26.44 -28.62
C PRO B 108 -1.29 25.54 -29.08
N VAL B 109 -1.06 24.23 -29.03
CA VAL B 109 -2.06 23.26 -29.45
C VAL B 109 -3.21 23.19 -28.45
N LEU B 110 -2.90 23.20 -27.15
CA LEU B 110 -3.92 23.26 -26.10
C LEU B 110 -4.85 24.47 -26.29
N THR B 111 -4.28 25.63 -26.62
CA THR B 111 -5.11 26.84 -26.72
C THR B 111 -5.88 26.86 -28.05
N GLU B 112 -5.28 26.30 -29.11
CA GLU B 112 -5.98 26.19 -30.40
C GLU B 112 -7.17 25.24 -30.33
N CYS B 113 -7.02 24.15 -29.59
CA CYS B 113 -8.06 23.12 -29.51
CA CYS B 113 -8.05 23.21 -29.55
C CYS B 113 -9.01 23.29 -28.33
N TRP B 114 -8.87 24.40 -27.60
CA TRP B 114 -9.57 24.55 -26.33
C TRP B 114 -11.09 24.32 -26.39
N PRO B 115 -11.79 24.81 -27.44
CA PRO B 115 -13.24 24.55 -27.44
C PRO B 115 -13.57 23.06 -27.40
N HIS B 116 -12.77 22.23 -28.05
CA HIS B 116 -12.99 20.80 -28.02
C HIS B 116 -12.73 20.23 -26.65
N ILE B 117 -11.60 20.58 -26.11
CA ILE B 117 -11.19 20.10 -24.82
C ILE B 117 -12.15 20.52 -23.71
N SER B 118 -12.61 21.74 -23.76
CA SER B 118 -13.53 22.23 -22.79
C SER B 118 -14.86 21.49 -22.87
N SER B 119 -15.24 21.11 -24.07
CA SER B 119 -16.45 20.30 -24.20
C SER B 119 -16.29 18.89 -23.59
N PHE B 120 -15.13 18.25 -23.75
CA PHE B 120 -14.91 16.93 -23.13
C PHE B 120 -14.84 17.07 -21.60
N LEU B 121 -14.27 18.18 -21.14
CA LEU B 121 -14.21 18.44 -19.71
C LEU B 121 -15.61 18.62 -19.12
N ASP B 122 -16.54 19.20 -19.89
CA ASP B 122 -17.95 19.29 -19.48
C ASP B 122 -18.54 17.89 -19.23
N GLN B 123 -18.26 16.93 -20.10
CA GLN B 123 -18.71 15.53 -19.90
C GLN B 123 -18.11 14.90 -18.61
N CYS B 124 -16.81 15.13 -18.39
CA CYS B 124 -16.13 14.66 -17.18
C CYS B 124 -16.73 15.27 -15.91
N GLU B 125 -16.98 16.57 -15.93
CA GLU B 125 -17.64 17.26 -14.81
C GLU B 125 -19.03 16.65 -14.52
N ASN B 126 -19.84 16.49 -15.57
CA ASN B 126 -21.17 15.87 -15.45
C ASN B 126 -21.09 14.45 -14.87
N THR B 127 -20.03 13.73 -15.22
CA THR B 127 -19.84 12.36 -14.78
C THR B 127 -19.61 12.29 -13.27
N LEU B 128 -18.72 13.11 -12.75
CA LEU B 128 -18.42 13.14 -11.32
C LEU B 128 -19.61 13.65 -10.49
N LEU B 129 -20.31 14.65 -11.02
CA LEU B 129 -21.49 15.18 -10.33
C LEU B 129 -22.60 14.14 -10.24
N LYS B 130 -22.71 13.33 -11.28
CA LYS B 130 -23.67 12.25 -11.30
C LYS B 130 -23.36 11.21 -10.24
N TYR B 131 -22.08 10.89 -10.06
CA TYR B 131 -21.68 9.95 -9.02
C TYR B 131 -22.14 10.46 -7.65
N LEU B 132 -21.92 11.75 -7.39
CA LEU B 132 -22.29 12.37 -6.11
C LEU B 132 -23.82 12.39 -5.87
N ALA B 133 -24.57 12.74 -6.91
CA ALA B 133 -26.02 12.73 -6.80
C ALA B 133 -26.57 11.29 -6.59
N LYS B 134 -26.02 10.34 -7.35
CA LYS B 134 -26.41 8.94 -7.29
C LYS B 134 -26.31 8.37 -5.87
N ASN B 135 -25.22 8.70 -5.19
CA ASN B 135 -24.93 8.12 -3.88
C ASN B 135 -25.27 9.08 -2.73
N ASP B 136 -25.96 10.14 -3.04
CA ASP B 136 -26.33 11.10 -2.04
C ASP B 136 -25.18 11.44 -1.13
N THR B 137 -24.07 11.85 -1.72
CA THR B 137 -22.88 12.20 -0.95
C THR B 137 -22.22 13.47 -1.49
N GLN B 138 -21.31 14.03 -0.72
CA GLN B 138 -20.48 15.14 -1.16
C GLN B 138 -19.06 14.72 -1.44
N PHE B 139 -18.77 13.45 -1.29
CA PHE B 139 -17.40 13.00 -1.31
C PHE B 139 -17.12 11.98 -2.34
N LEU B 140 -16.09 12.21 -3.11
CA LEU B 140 -15.67 11.24 -4.09
C LEU B 140 -14.99 10.06 -3.44
N PRO B 141 -14.95 8.93 -4.09
CA PRO B 141 -14.34 7.74 -3.50
C PRO B 141 -12.84 7.87 -3.35
N HIS B 142 -12.26 7.26 -2.33
CA HIS B 142 -10.81 7.34 -2.16
C HIS B 142 -10.04 6.54 -3.23
N CYS B 149 -14.39 2.38 -9.37
CA CYS B 149 -15.44 3.39 -9.51
C CYS B 149 -15.62 3.67 -10.99
N ILE B 150 -16.79 3.31 -11.53
CA ILE B 150 -17.00 3.37 -12.96
C ILE B 150 -16.92 4.80 -13.47
N GLU B 151 -17.39 5.74 -12.67
CA GLU B 151 -17.39 7.15 -13.10
C GLU B 151 -15.99 7.73 -13.17
N VAL B 152 -15.15 7.38 -12.21
CA VAL B 152 -13.78 7.86 -12.20
C VAL B 152 -13.01 7.26 -13.37
N ALA B 153 -13.24 5.98 -13.61
CA ALA B 153 -12.60 5.29 -14.74
C ALA B 153 -12.99 5.93 -16.06
N ALA B 154 -14.25 6.35 -16.16
CA ALA B 154 -14.74 7.00 -17.37
C ALA B 154 -14.01 8.33 -17.62
N VAL B 155 -13.74 9.10 -16.56
CA VAL B 155 -13.00 10.35 -16.72
C VAL B 155 -11.57 10.08 -17.23
N LEU B 156 -10.91 9.10 -16.63
CA LEU B 156 -9.57 8.70 -17.09
C LEU B 156 -9.61 8.32 -18.58
N GLN B 157 -10.64 7.56 -18.96
CA GLN B 157 -10.77 7.09 -20.33
C GLN B 157 -10.97 8.25 -21.32
N THR B 158 -11.71 9.28 -20.91
CA THR B 158 -11.91 10.46 -21.74
C THR B 158 -10.60 11.21 -21.99
N PHE B 159 -9.75 11.31 -20.99
CA PHE B 159 -8.44 11.94 -21.21
C PHE B 159 -7.59 11.07 -22.16
N GLN B 160 -7.62 9.75 -21.97
CA GLN B 160 -6.82 8.83 -22.78
C GLN B 160 -7.26 8.74 -24.23
N ARG B 161 -8.57 8.73 -24.44
CA ARG B 161 -9.15 8.49 -25.75
C ARG B 161 -9.56 9.76 -26.49
N LYS B 162 -9.82 10.85 -25.76
CA LYS B 162 -10.32 12.05 -26.41
C LYS B 162 -9.36 13.25 -26.24
N ILE B 163 -9.09 13.63 -25.00
CA ILE B 163 -8.35 14.86 -24.76
C ILE B 163 -6.87 14.79 -25.15
N ILE B 164 -6.14 13.80 -24.62
CA ILE B 164 -4.69 13.72 -24.85
C ILE B 164 -4.34 13.43 -26.33
N PRO B 165 -5.12 12.56 -27.03
CA PRO B 165 -4.84 12.47 -28.47
C PRO B 165 -4.84 13.84 -29.17
N LEU B 166 -5.75 14.73 -28.79
CA LEU B 166 -5.79 16.07 -29.37
C LEU B 166 -4.55 16.90 -29.04
N LEU B 167 -3.89 16.57 -27.93
CA LEU B 167 -2.67 17.27 -27.52
C LEU B 167 -1.44 16.49 -27.99
N SER B 168 -1.63 15.48 -28.81
CA SER B 168 -0.56 14.56 -29.18
C SER B 168 -0.17 14.59 -30.63
N GLY B 169 1.09 14.32 -30.89
CA GLY B 169 1.60 14.04 -32.22
C GLY B 169 1.75 15.22 -33.14
N TYR B 170 2.00 16.37 -32.55
CA TYR B 170 1.99 17.64 -33.24
C TYR B 170 3.39 18.08 -33.59
N SER B 171 3.54 19.13 -34.34
CA SER B 171 4.89 19.54 -34.57
C SER B 171 4.99 21.04 -34.53
N LEU B 172 6.02 21.52 -33.87
CA LEU B 172 6.22 22.93 -33.73
C LEU B 172 7.24 23.39 -34.73
N GLY C 10 -2.55 -9.56 -12.12
CA GLY C 10 -2.28 -10.89 -12.62
C GLY C 10 -1.09 -11.54 -11.94
N PHE C 11 -0.94 -12.84 -12.14
CA PHE C 11 0.19 -13.54 -11.55
C PHE C 11 0.52 -14.76 -12.37
N ARG C 12 1.72 -15.27 -12.16
CA ARG C 12 2.09 -16.54 -12.74
C ARG C 12 2.65 -17.42 -11.63
N LEU C 13 2.06 -18.61 -11.45
CA LEU C 13 2.52 -19.55 -10.44
C LEU C 13 3.27 -20.70 -11.08
N ILE C 14 4.50 -20.95 -10.62
CA ILE C 14 5.28 -22.08 -11.10
C ILE C 14 5.72 -22.96 -9.94
N ILE C 15 5.31 -24.21 -9.98
CA ILE C 15 5.81 -25.20 -9.05
C ILE C 15 6.77 -26.09 -9.83
N SER C 16 8.00 -26.22 -9.35
CA SER C 16 8.99 -27.06 -10.02
C SER C 16 9.83 -27.83 -9.02
N GLN C 17 10.57 -28.84 -9.48
CA GLN C 17 11.51 -29.50 -8.58
C GLN C 17 12.72 -30.03 -9.32
N GLU C 18 13.80 -30.19 -8.57
CA GLU C 18 15.03 -30.76 -9.07
C GLU C 18 14.94 -32.28 -9.12
N LEU C 19 15.68 -32.86 -10.07
CA LEU C 19 15.75 -34.30 -10.21
C LEU C 19 17.20 -34.75 -10.14
N ASN C 27 17.18 -32.80 -15.27
CA ASN C 27 17.66 -32.13 -14.05
C ASN C 27 16.53 -31.41 -13.30
N TYR C 28 15.66 -30.73 -14.05
CA TYR C 28 14.53 -30.00 -13.49
C TYR C 28 13.20 -30.47 -14.04
N GLN C 29 12.15 -30.44 -13.25
CA GLN C 29 10.83 -30.80 -13.72
C GLN C 29 9.83 -29.72 -13.36
N VAL C 30 9.01 -29.29 -14.31
CA VAL C 30 7.93 -28.34 -14.02
C VAL C 30 6.66 -29.11 -13.66
N VAL C 31 6.14 -28.80 -12.47
CA VAL C 31 5.00 -29.49 -11.88
C VAL C 31 3.70 -28.77 -12.26
N LEU C 32 3.73 -27.45 -12.13
CA LEU C 32 2.57 -26.64 -12.46
C LEU C 32 3.10 -25.37 -13.07
N ASP C 33 2.43 -24.87 -14.10
CA ASP C 33 2.76 -23.58 -14.68
C ASP C 33 1.46 -22.88 -15.02
N HIS C 34 1.08 -21.96 -14.17
CA HIS C 34 -0.23 -21.35 -14.29
C HIS C 34 -0.13 -19.84 -14.38
N SER C 35 -0.62 -19.27 -15.49
CA SER C 35 -0.72 -17.83 -15.59
C SER C 35 -2.19 -17.44 -15.49
N SER C 36 -2.47 -16.39 -14.74
CA SER C 36 -3.83 -15.92 -14.60
C SER C 36 -4.28 -15.26 -15.91
N VAL C 37 -5.59 -15.11 -16.07
CA VAL C 37 -6.18 -14.60 -17.32
C VAL C 37 -5.50 -13.32 -17.80
N ASN C 38 -5.46 -12.29 -16.97
CA ASN C 38 -4.81 -11.05 -17.39
C ASN C 38 -3.34 -10.98 -16.95
N PHE C 39 -2.49 -11.79 -17.51
CA PHE C 39 -1.10 -11.71 -17.19
C PHE C 39 -0.40 -12.00 -18.47
N HIS C 40 0.48 -11.11 -18.89
CA HIS C 40 1.08 -11.25 -20.21
C HIS C 40 2.59 -11.33 -20.20
N ILE C 45 9.99 -14.55 -20.95
CA ILE C 45 8.78 -15.17 -20.42
C ILE C 45 8.80 -16.68 -20.63
N PRO C 46 9.99 -17.25 -20.84
CA PRO C 46 10.12 -18.70 -21.07
C PRO C 46 10.52 -19.46 -19.81
N LEU C 47 10.42 -20.79 -19.85
CA LEU C 47 10.78 -21.61 -18.71
C LEU C 47 12.29 -21.76 -18.58
N ASN C 48 12.96 -21.83 -19.73
CA ASN C 48 14.40 -21.96 -19.76
C ASN C 48 15.10 -20.74 -19.15
N GLU C 49 14.39 -19.65 -18.93
CA GLU C 49 15.01 -18.47 -18.33
C GLU C 49 14.80 -18.42 -16.83
N LEU C 50 13.55 -18.63 -16.44
CA LEU C 50 13.15 -18.71 -15.05
C LEU C 50 13.92 -19.77 -14.27
N LYS C 51 14.20 -20.89 -14.88
CA LYS C 51 14.95 -21.96 -14.24
C LYS C 51 16.21 -21.42 -13.58
N ASP C 52 16.77 -20.37 -14.19
CA ASP C 52 17.99 -19.73 -13.70
C ASP C 52 17.73 -18.94 -12.42
N TYR C 53 16.65 -18.18 -12.42
CA TYR C 53 16.20 -17.41 -11.26
C TYR C 53 15.70 -18.27 -10.10
N ILE C 54 14.99 -19.36 -10.42
CA ILE C 54 14.38 -20.22 -9.41
C ILE C 54 15.41 -21.11 -8.71
N PHE C 55 16.15 -21.89 -9.48
CA PHE C 55 17.22 -22.70 -8.92
C PHE C 55 18.56 -22.08 -9.27
N ARG C 60 24.97 -18.66 0.64
N ARG C 60 25.06 -18.68 0.55
CA ARG C 60 25.01 -20.08 0.35
CA ARG C 60 24.95 -20.10 0.33
C ARG C 60 24.60 -20.99 1.53
C ARG C 60 24.63 -21.00 1.52
N THR C 61 24.98 -20.64 2.76
CA THR C 61 24.65 -21.51 3.88
C THR C 61 23.17 -21.44 4.09
N ILE C 62 22.56 -20.30 3.73
CA ILE C 62 21.11 -20.21 3.88
C ILE C 62 20.41 -21.15 2.88
N ASP C 63 21.11 -21.54 1.81
CA ASP C 63 20.52 -22.46 0.82
C ASP C 63 20.41 -23.90 1.31
N TYR C 64 20.89 -24.14 2.53
CA TYR C 64 20.78 -25.47 3.12
C TYR C 64 19.71 -25.54 4.19
N SER C 65 19.16 -24.38 4.57
CA SER C 65 17.98 -24.38 5.41
C SER C 65 16.90 -25.27 4.81
N ALA C 66 16.14 -25.93 5.69
CA ALA C 66 15.07 -26.83 5.27
C ALA C 66 14.08 -26.09 4.38
N SER C 67 13.88 -24.81 4.67
CA SER C 67 12.92 -23.99 3.97
C SER C 67 13.43 -22.54 3.91
N SER C 68 13.35 -21.91 2.73
CA SER C 68 13.74 -20.51 2.62
C SER C 68 12.96 -19.76 1.53
N ASP C 69 13.12 -18.43 1.55
CA ASP C 69 12.39 -17.52 0.67
C ASP C 69 13.36 -16.53 0.03
N LYS C 70 13.13 -16.27 -1.26
CA LYS C 70 13.93 -15.33 -2.05
C LYS C 70 13.01 -14.42 -2.84
N ILE C 71 13.38 -13.15 -2.93
CA ILE C 71 12.71 -12.26 -3.88
C ILE C 71 13.74 -11.69 -4.85
N LYS C 72 13.44 -11.84 -6.14
CA LYS C 72 14.30 -11.39 -7.22
C LYS C 72 13.57 -10.49 -8.21
N VAL C 73 14.31 -9.56 -8.80
CA VAL C 73 13.76 -8.68 -9.83
C VAL C 73 14.18 -9.16 -11.21
N VAL C 74 13.20 -9.56 -12.01
CA VAL C 74 13.47 -10.09 -13.34
C VAL C 74 13.60 -8.89 -14.24
N LYS C 75 14.83 -8.59 -14.63
CA LYS C 75 15.17 -7.33 -15.25
C LYS C 75 14.53 -7.20 -16.60
N SER C 76 14.47 -8.30 -17.32
CA SER C 76 13.92 -8.26 -18.66
C SER C 76 12.41 -8.01 -18.75
N ALA C 77 11.69 -8.05 -17.62
CA ALA C 77 10.23 -8.02 -17.71
C ALA C 77 9.38 -7.18 -16.74
N ASN C 78 9.96 -6.30 -15.93
CA ASN C 78 9.18 -5.54 -14.94
C ASN C 78 8.35 -6.44 -14.02
N ILE C 79 8.97 -7.53 -13.63
CA ILE C 79 8.34 -8.58 -12.86
C ILE C 79 9.15 -8.78 -11.60
N VAL C 80 8.47 -9.12 -10.51
CA VAL C 80 9.13 -9.60 -9.33
C VAL C 80 8.80 -11.09 -9.14
N LEU C 81 9.82 -11.90 -8.85
CA LEU C 81 9.63 -13.33 -8.65
C LEU C 81 9.90 -13.71 -7.18
N PHE C 82 8.91 -14.21 -6.48
CA PHE C 82 9.17 -14.69 -5.12
C PHE C 82 9.00 -16.19 -5.05
N THR C 83 9.98 -16.81 -4.39
CA THR C 83 10.11 -18.24 -4.39
C THR C 83 10.24 -18.75 -2.96
N ARG C 84 9.42 -19.75 -2.64
CA ARG C 84 9.61 -20.59 -1.46
C ARG C 84 10.30 -21.88 -1.92
N ILE C 85 11.47 -22.17 -1.36
CA ILE C 85 12.20 -23.35 -1.78
C ILE C 85 12.51 -24.25 -0.57
N PHE C 86 12.31 -25.56 -0.71
CA PHE C 86 12.49 -26.46 0.43
C PHE C 86 12.91 -27.86 0.00
N TYR C 87 13.48 -28.63 0.92
CA TYR C 87 13.90 -29.99 0.61
C TYR C 87 12.81 -31.00 0.93
N LEU C 88 12.82 -32.15 0.25
CA LEU C 88 11.84 -33.20 0.51
C LEU C 88 11.93 -33.57 1.99
N ASN C 89 13.17 -33.69 2.47
CA ASN C 89 13.44 -34.00 3.86
C ASN C 89 14.92 -33.78 4.12
N GLU C 90 15.36 -34.03 5.34
CA GLU C 90 16.75 -33.83 5.72
C GLU C 90 17.75 -34.60 4.84
N LYS C 91 17.38 -35.82 4.46
CA LYS C 91 18.33 -36.70 3.78
C LYS C 91 18.42 -36.39 2.29
N SER C 92 17.49 -35.58 1.78
CA SER C 92 17.39 -35.35 0.34
C SER C 92 18.22 -34.15 -0.14
N THR C 93 18.68 -34.20 -1.38
CA THR C 93 19.40 -33.08 -1.96
C THR C 93 18.49 -32.38 -2.95
N LEU C 94 17.32 -32.98 -3.17
CA LEU C 94 16.40 -32.49 -4.18
C LEU C 94 15.50 -31.44 -3.55
N ARG C 95 15.29 -30.35 -4.28
CA ARG C 95 14.50 -29.25 -3.77
C ARG C 95 13.25 -29.04 -4.58
N ILE C 96 12.21 -28.58 -3.90
CA ILE C 96 10.99 -28.16 -4.53
C ILE C 96 10.88 -26.65 -4.42
N ALA C 97 10.41 -26.04 -5.49
CA ALA C 97 10.26 -24.60 -5.48
C ALA C 97 8.82 -24.21 -5.79
N ILE C 98 8.32 -23.26 -5.02
CA ILE C 98 7.05 -22.63 -5.31
C ILE C 98 7.32 -21.19 -5.66
N SER C 99 7.17 -20.84 -6.94
CA SER C 99 7.57 -19.50 -7.39
C SER C 99 6.41 -18.70 -7.98
N CYS C 100 6.42 -17.40 -7.76
CA CYS C 100 5.34 -16.57 -8.25
C CYS C 100 5.85 -15.27 -8.86
N CYS C 101 5.39 -14.98 -10.08
CA CYS C 101 5.67 -13.69 -10.73
C CYS C 101 4.48 -12.78 -10.56
N VAL C 102 4.78 -11.57 -10.18
CA VAL C 102 3.85 -10.50 -10.18
C VAL C 102 4.55 -9.24 -10.64
N THR C 103 3.77 -8.25 -11.03
CA THR C 103 4.35 -6.99 -11.50
C THR C 103 5.21 -6.34 -10.42
N ASP C 104 6.30 -5.69 -10.81
CA ASP C 104 7.24 -5.16 -9.82
C ASP C 104 6.64 -4.03 -8.97
N ASP C 105 5.52 -3.46 -9.41
CA ASP C 105 4.78 -2.48 -8.60
C ASP C 105 4.26 -3.06 -7.27
N VAL C 106 4.17 -4.38 -7.19
CA VAL C 106 3.61 -5.06 -6.03
C VAL C 106 4.67 -5.23 -4.90
N LEU C 107 5.94 -5.03 -5.23
CA LEU C 107 7.01 -5.27 -4.25
C LEU C 107 6.81 -4.56 -2.89
N PRO C 108 6.39 -3.26 -2.88
CA PRO C 108 6.17 -2.64 -1.56
C PRO C 108 5.12 -3.38 -0.73
N VAL C 109 4.07 -3.86 -1.39
CA VAL C 109 2.99 -4.55 -0.71
C VAL C 109 3.43 -5.92 -0.23
N LEU C 110 4.15 -6.61 -1.11
CA LEU C 110 4.71 -7.91 -0.83
C LEU C 110 5.61 -7.86 0.41
N THR C 111 6.45 -6.83 0.50
CA THR C 111 7.41 -6.78 1.61
C THR C 111 6.72 -6.31 2.88
N GLU C 112 5.76 -5.41 2.77
CA GLU C 112 4.97 -5.01 3.95
C GLU C 112 4.13 -6.16 4.51
N CYS C 113 3.57 -6.99 3.62
CA CYS C 113 2.68 -8.09 4.03
CA CYS C 113 2.69 -8.00 3.99
C CYS C 113 3.37 -9.43 4.15
N TRP C 114 4.69 -9.44 4.06
CA TRP C 114 5.46 -10.67 4.00
C TRP C 114 5.16 -11.71 5.10
N PRO C 115 5.00 -11.30 6.37
CA PRO C 115 4.72 -12.34 7.36
C PRO C 115 3.42 -13.13 7.08
N HIS C 116 2.43 -12.48 6.47
CA HIS C 116 1.19 -13.17 6.09
C HIS C 116 1.46 -14.17 4.97
N ILE C 117 2.17 -13.71 3.94
CA ILE C 117 2.47 -14.49 2.76
C ILE C 117 3.32 -15.69 3.11
N SER C 118 4.36 -15.46 3.92
CA SER C 118 5.22 -16.53 4.36
C SER C 118 4.41 -17.62 5.08
N SER C 119 3.46 -17.20 5.89
CA SER C 119 2.58 -18.14 6.57
C SER C 119 1.69 -18.93 5.58
N PHE C 120 1.16 -18.28 4.55
CA PHE C 120 0.41 -19.02 3.54
C PHE C 120 1.35 -19.95 2.75
N LEU C 121 2.59 -19.53 2.53
CA LEU C 121 3.56 -20.36 1.82
C LEU C 121 3.90 -21.61 2.65
N ASP C 122 3.93 -21.49 3.98
CA ASP C 122 4.10 -22.64 4.87
C ASP C 122 3.01 -23.68 4.64
N GLN C 123 1.77 -23.22 4.47
CA GLN C 123 0.67 -24.14 4.23
C GLN C 123 0.85 -24.88 2.90
N CYS C 124 1.26 -24.16 1.87
CA CYS C 124 1.55 -24.74 0.55
C CYS C 124 2.63 -25.81 0.60
N GLU C 125 3.70 -25.51 1.32
CA GLU C 125 4.79 -26.45 1.54
C GLU C 125 4.32 -27.72 2.27
N ASN C 126 3.56 -27.56 3.36
CA ASN C 126 3.00 -28.70 4.09
C ASN C 126 2.21 -29.59 3.16
N THR C 127 1.49 -28.95 2.24
CA THR C 127 0.61 -29.65 1.32
C THR C 127 1.39 -30.51 0.31
N LEU C 128 2.38 -29.92 -0.32
CA LEU C 128 3.15 -30.65 -1.33
C LEU C 128 3.91 -31.78 -0.70
N LEU C 129 4.45 -31.54 0.49
CA LEU C 129 5.20 -32.57 1.19
C LEU C 129 4.28 -33.73 1.58
N LYS C 130 3.03 -33.44 1.89
CA LYS C 130 2.09 -34.50 2.23
C LYS C 130 1.80 -35.39 1.03
N TYR C 131 1.77 -34.82 -0.16
CA TYR C 131 1.59 -35.58 -1.35
C TYR C 131 2.68 -36.61 -1.45
N LEU C 132 3.89 -36.19 -1.20
CA LEU C 132 5.04 -37.07 -1.31
C LEU C 132 4.93 -38.23 -0.34
N ALA C 133 4.49 -37.94 0.89
CA ALA C 133 4.24 -38.98 1.91
C ALA C 133 3.08 -39.92 1.57
N LYS C 134 1.98 -39.35 1.08
CA LYS C 134 0.80 -40.13 0.69
C LYS C 134 1.16 -41.17 -0.38
N ASN C 135 2.01 -40.79 -1.33
CA ASN C 135 2.36 -41.70 -2.42
C ASN C 135 3.73 -42.32 -2.24
N ASP C 136 4.33 -42.08 -1.08
CA ASP C 136 5.63 -42.63 -0.70
C ASP C 136 6.70 -42.51 -1.80
N THR C 137 6.79 -41.32 -2.40
CA THR C 137 7.70 -41.08 -3.50
C THR C 137 8.51 -39.81 -3.26
N GLN C 138 9.56 -39.59 -4.04
CA GLN C 138 10.27 -38.32 -3.99
C GLN C 138 9.83 -37.37 -5.09
N PHE C 139 8.89 -37.80 -5.93
CA PHE C 139 8.61 -37.00 -7.12
C PHE C 139 7.16 -36.56 -7.20
N LEU C 140 7.01 -35.26 -7.43
CA LEU C 140 5.71 -34.67 -7.69
C LEU C 140 5.21 -35.02 -9.08
N PRO C 141 3.93 -34.91 -9.32
CA PRO C 141 3.39 -35.18 -10.62
C PRO C 141 3.60 -34.00 -11.55
N HIS C 142 3.35 -34.21 -12.82
CA HIS C 142 3.42 -33.16 -13.79
C HIS C 142 2.22 -33.15 -14.73
N ASP C 143 2.21 -32.20 -15.64
CA ASP C 143 1.19 -32.09 -16.66
C ASP C 143 -0.27 -32.14 -16.13
N TRP C 144 -1.14 -32.96 -16.72
CA TRP C 144 -2.54 -33.01 -16.31
C TRP C 144 -2.74 -33.73 -14.98
N LYS C 145 -1.89 -34.73 -14.72
CA LYS C 145 -1.94 -35.42 -13.45
C LYS C 145 -1.74 -34.41 -12.31
N ALA C 146 -0.75 -33.54 -12.46
CA ALA C 146 -0.49 -32.48 -11.49
C ALA C 146 -1.63 -31.48 -11.38
N ARG C 147 -2.19 -31.05 -12.49
CA ARG C 147 -3.27 -30.07 -12.47
C ARG C 147 -4.49 -30.54 -11.76
N ASN C 148 -4.74 -31.83 -11.81
CA ASN C 148 -5.96 -32.39 -11.24
C ASN C 148 -5.68 -32.96 -9.85
N CYS C 149 -4.41 -32.92 -9.48
CA CYS C 149 -3.90 -33.40 -8.20
C CYS C 149 -4.46 -32.51 -7.11
N ILE C 150 -5.13 -33.10 -6.13
CA ILE C 150 -5.80 -32.27 -5.14
C ILE C 150 -4.79 -31.39 -4.35
N GLU C 151 -3.59 -31.91 -4.08
CA GLU C 151 -2.61 -31.10 -3.32
C GLU C 151 -2.08 -29.95 -4.16
N VAL C 152 -1.79 -30.22 -5.42
CA VAL C 152 -1.30 -29.17 -6.32
C VAL C 152 -2.40 -28.17 -6.58
N ALA C 153 -3.63 -28.65 -6.78
CA ALA C 153 -4.75 -27.74 -7.01
C ALA C 153 -4.98 -26.89 -5.76
N ALA C 154 -4.81 -27.48 -4.59
CA ALA C 154 -4.96 -26.73 -3.34
C ALA C 154 -3.93 -25.58 -3.26
N VAL C 155 -2.70 -25.83 -3.71
CA VAL C 155 -1.69 -24.77 -3.72
C VAL C 155 -2.11 -23.63 -4.64
N LEU C 156 -2.56 -23.99 -5.83
CA LEU C 156 -3.05 -22.99 -6.78
C LEU C 156 -4.16 -22.16 -6.15
N GLN C 157 -5.05 -22.83 -5.44
CA GLN C 157 -6.18 -22.16 -4.81
C GLN C 157 -5.76 -21.20 -3.68
N THR C 158 -4.75 -21.60 -2.91
CA THR C 158 -4.27 -20.70 -1.87
C THR C 158 -3.69 -19.42 -2.49
N PHE C 159 -3.02 -19.53 -3.64
CA PHE C 159 -2.57 -18.31 -4.33
C PHE C 159 -3.75 -17.48 -4.83
N GLN C 160 -4.75 -18.15 -5.42
CA GLN C 160 -5.89 -17.44 -5.96
C GLN C 160 -6.75 -16.80 -4.88
N ARG C 161 -6.91 -17.50 -3.76
CA ARG C 161 -7.86 -17.07 -2.75
C ARG C 161 -7.21 -16.27 -1.60
N LYS C 162 -5.93 -16.51 -1.31
CA LYS C 162 -5.29 -15.86 -0.16
C LYS C 162 -4.15 -14.92 -0.52
N ILE C 163 -3.14 -15.47 -1.18
CA ILE C 163 -1.93 -14.70 -1.40
C ILE C 163 -2.14 -13.55 -2.39
N ILE C 164 -2.63 -13.85 -3.58
CA ILE C 164 -2.74 -12.82 -4.59
C ILE C 164 -3.75 -11.73 -4.23
N PRO C 165 -4.91 -12.09 -3.65
CA PRO C 165 -5.80 -11.02 -3.19
C PRO C 165 -5.14 -10.06 -2.21
N LEU C 166 -4.29 -10.57 -1.32
CA LEU C 166 -3.57 -9.68 -0.40
C LEU C 166 -2.60 -8.76 -1.13
N LEU C 167 -2.12 -9.19 -2.28
CA LEU C 167 -1.19 -8.34 -3.02
C LEU C 167 -1.92 -7.50 -4.05
N SER C 168 -3.25 -7.59 -4.03
CA SER C 168 -4.13 -6.96 -5.01
C SER C 168 -3.67 -7.28 -6.41
N GLY D 10 -20.62 -9.89 0.86
CA GLY D 10 -20.82 -8.55 1.38
C GLY D 10 -20.50 -8.48 2.86
N PHE D 11 -20.40 -7.26 3.38
CA PHE D 11 -20.13 -7.04 4.80
C PHE D 11 -20.62 -5.66 5.22
N ARG D 12 -20.73 -5.48 6.54
CA ARG D 12 -21.00 -4.17 7.10
C ARG D 12 -19.93 -3.83 8.14
N LEU D 13 -19.27 -2.69 7.97
CA LEU D 13 -18.22 -2.30 8.90
C LEU D 13 -18.70 -1.15 9.77
N ILE D 14 -18.62 -1.32 11.09
CA ILE D 14 -19.02 -0.24 11.99
C ILE D 14 -17.90 0.15 12.94
N ILE D 15 -17.52 1.41 12.90
CA ILE D 15 -16.60 1.94 13.88
C ILE D 15 -17.41 2.80 14.83
N SER D 16 -17.35 2.49 16.11
CA SER D 16 -18.09 3.26 17.11
C SER D 16 -17.28 3.45 18.39
N GLN D 17 -17.70 4.38 19.24
CA GLN D 17 -17.07 4.49 20.54
C GLN D 17 -18.05 4.95 21.61
N GLU D 18 -17.66 4.75 22.85
CA GLU D 18 -18.36 5.26 24.00
C GLU D 18 -17.89 6.66 24.23
N LEU D 19 -18.81 7.54 24.62
CA LEU D 19 -18.48 8.94 24.83
C LEU D 19 -18.49 9.29 26.31
N GLY D 20 -19.22 8.50 27.10
CA GLY D 20 -19.30 8.74 28.52
C GLY D 20 -20.42 9.65 28.97
N ASN D 27 -23.04 7.83 26.61
CA ASN D 27 -23.61 7.63 25.29
C ASN D 27 -22.66 6.93 24.33
N TYR D 28 -23.15 6.59 23.16
CA TYR D 28 -22.42 5.85 22.18
C TYR D 28 -22.50 6.50 20.83
N GLN D 29 -21.36 6.66 20.18
CA GLN D 29 -21.38 7.35 18.89
C GLN D 29 -20.90 6.50 17.71
N VAL D 30 -21.61 6.57 16.58
CA VAL D 30 -21.15 5.90 15.35
C VAL D 30 -20.23 6.82 14.55
N VAL D 31 -19.03 6.33 14.30
CA VAL D 31 -18.00 7.09 13.61
C VAL D 31 -18.04 6.80 12.12
N LEU D 32 -18.16 5.51 11.82
CA LEU D 32 -18.23 5.00 10.46
C LEU D 32 -19.27 3.89 10.42
N ASP D 33 -20.09 3.88 9.38
CA ASP D 33 -21.01 2.77 9.17
C ASP D 33 -21.12 2.53 7.67
N HIS D 34 -20.43 1.50 7.20
CA HIS D 34 -20.28 1.28 5.78
C HIS D 34 -20.75 -0.10 5.38
N SER D 35 -21.73 -0.14 4.48
CA SER D 35 -22.17 -1.41 3.89
C SER D 35 -21.64 -1.49 2.45
N SER D 36 -21.23 -2.68 2.06
CA SER D 36 -20.79 -2.94 0.72
C SER D 36 -22.02 -3.19 -0.12
N VAL D 37 -21.82 -3.78 -1.28
CA VAL D 37 -22.91 -4.06 -2.22
C VAL D 37 -23.09 -5.54 -2.51
N HIS D 44 -31.19 -3.75 7.60
CA HIS D 44 -29.85 -4.12 8.06
C HIS D 44 -30.00 -4.81 9.41
N ILE D 45 -29.33 -4.28 10.42
CA ILE D 45 -29.60 -4.53 11.82
C ILE D 45 -29.58 -3.17 12.44
N PRO D 46 -30.59 -2.89 13.22
CA PRO D 46 -30.76 -1.58 13.83
C PRO D 46 -29.61 -1.17 14.75
N LEU D 47 -29.15 0.07 14.63
CA LEU D 47 -28.01 0.55 15.40
C LEU D 47 -28.21 0.32 16.89
N ASN D 48 -29.46 0.44 17.36
CA ASN D 48 -29.75 0.30 18.79
C ASN D 48 -29.64 -1.14 19.29
N GLU D 49 -29.83 -2.10 18.40
CA GLU D 49 -29.61 -3.50 18.76
C GLU D 49 -28.10 -3.82 18.80
N LEU D 50 -27.35 -3.23 17.86
CA LEU D 50 -25.92 -3.47 17.75
C LEU D 50 -25.11 -2.91 18.93
N LYS D 51 -25.47 -1.72 19.41
CA LYS D 51 -24.78 -1.10 20.54
C LYS D 51 -24.69 -2.10 21.70
N ASP D 52 -25.74 -2.89 21.83
CA ASP D 52 -25.86 -3.87 22.90
C ASP D 52 -24.88 -5.02 22.74
N TYR D 53 -24.76 -5.54 21.52
CA TYR D 53 -23.84 -6.65 21.24
C TYR D 53 -22.40 -6.19 21.38
N ILE D 54 -22.14 -4.98 20.91
CA ILE D 54 -20.81 -4.43 20.87
C ILE D 54 -20.32 -3.97 22.24
N PHE D 55 -21.09 -3.17 22.92
CA PHE D 55 -20.67 -2.64 24.20
C PHE D 55 -21.43 -3.23 25.41
N GLY D 56 -21.62 -4.54 25.45
CA GLY D 56 -22.34 -5.15 26.57
C GLY D 56 -22.05 -6.59 26.92
N ILE D 59 -20.21 -7.11 33.86
CA ILE D 59 -19.36 -7.55 32.78
C ILE D 59 -18.30 -8.50 33.38
N ARG D 60 -17.44 -9.06 32.57
CA ARG D 60 -16.48 -10.02 33.04
C ARG D 60 -15.05 -9.48 33.02
N THR D 61 -14.12 -10.11 33.70
CA THR D 61 -12.78 -9.57 33.76
C THR D 61 -12.16 -9.36 32.39
N ILE D 62 -12.48 -10.23 31.46
CA ILE D 62 -11.86 -10.11 30.13
C ILE D 62 -12.28 -8.78 29.44
N ASP D 63 -13.37 -8.16 29.90
CA ASP D 63 -13.84 -6.90 29.32
C ASP D 63 -12.96 -5.69 29.68
N TYR D 64 -12.01 -5.89 30.59
CA TYR D 64 -11.09 -4.83 31.04
C TYR D 64 -9.67 -5.00 30.47
N SER D 65 -9.52 -5.97 29.57
CA SER D 65 -8.30 -6.11 28.77
C SER D 65 -8.07 -4.86 27.96
N ALA D 66 -6.81 -4.49 27.77
CA ALA D 66 -6.50 -3.28 26.98
C ALA D 66 -7.10 -3.41 25.56
N SER D 67 -7.12 -4.62 25.03
CA SER D 67 -7.63 -4.88 23.70
C SER D 67 -8.19 -6.30 23.69
N SER D 68 -9.36 -6.49 23.10
CA SER D 68 -9.90 -7.85 22.97
C SER D 68 -10.77 -8.05 21.72
N ASP D 69 -11.12 -9.29 21.47
CA ASP D 69 -11.88 -9.62 20.30
C ASP D 69 -13.09 -10.46 20.64
N LYS D 70 -14.21 -10.18 19.99
CA LYS D 70 -15.44 -10.92 20.20
C LYS D 70 -16.08 -11.34 18.88
N ILE D 71 -16.51 -12.61 18.80
CA ILE D 71 -17.31 -13.10 17.68
C ILE D 71 -18.64 -13.66 18.16
N LYS D 72 -19.74 -13.05 17.69
CA LYS D 72 -21.10 -13.45 18.05
C LYS D 72 -21.98 -13.61 16.79
N VAL D 73 -22.81 -14.64 16.75
CA VAL D 73 -23.75 -14.81 15.64
C VAL D 73 -25.14 -14.23 15.94
N VAL D 74 -25.65 -13.40 15.03
CA VAL D 74 -27.01 -12.88 15.15
C VAL D 74 -27.97 -13.74 14.32
N LYS D 75 -28.70 -14.63 14.98
CA LYS D 75 -29.50 -15.64 14.29
C LYS D 75 -30.65 -14.99 13.52
N SER D 76 -31.21 -13.93 14.11
CA SER D 76 -32.36 -13.24 13.53
C SER D 76 -32.03 -12.56 12.20
N ALA D 77 -30.76 -12.52 11.85
CA ALA D 77 -30.31 -11.79 10.68
C ALA D 77 -29.29 -12.59 9.88
N ASN D 78 -29.10 -13.85 10.27
CA ASN D 78 -28.17 -14.75 9.59
C ASN D 78 -26.77 -14.13 9.46
N ILE D 79 -26.35 -13.43 10.50
CA ILE D 79 -25.12 -12.65 10.49
C ILE D 79 -24.16 -13.05 11.62
N VAL D 80 -22.87 -13.03 11.33
CA VAL D 80 -21.86 -13.13 12.38
C VAL D 80 -21.21 -11.76 12.56
N LEU D 81 -21.10 -11.32 13.81
CA LEU D 81 -20.53 -10.02 14.11
C LEU D 81 -19.19 -10.24 14.81
N PHE D 82 -18.08 -9.79 14.21
CA PHE D 82 -16.82 -9.89 14.94
C PHE D 82 -16.29 -8.49 15.22
N THR D 83 -15.90 -8.25 16.47
CA THR D 83 -15.53 -6.92 16.91
C THR D 83 -14.19 -6.87 17.65
N ARG D 84 -13.35 -5.91 17.27
CA ARG D 84 -12.16 -5.55 18.04
C ARG D 84 -12.51 -4.36 18.92
N ILE D 85 -12.38 -4.53 20.23
CA ILE D 85 -12.72 -3.45 21.16
C ILE D 85 -11.52 -3.14 22.09
N PHE D 86 -11.21 -1.86 22.24
CA PHE D 86 -10.03 -1.47 23.00
C PHE D 86 -10.21 -0.14 23.73
N TYR D 87 -9.44 0.08 24.78
CA TYR D 87 -9.53 1.32 25.53
C TYR D 87 -8.59 2.34 24.91
N LEU D 88 -8.90 3.62 25.10
CA LEU D 88 -8.04 4.69 24.60
C LEU D 88 -6.62 4.59 25.14
N ASN D 89 -6.48 4.23 26.42
CA ASN D 89 -5.18 4.04 27.05
C ASN D 89 -5.43 3.40 28.41
N GLU D 90 -4.36 3.18 29.17
CA GLU D 90 -4.42 2.55 30.48
C GLU D 90 -5.28 3.29 31.48
N LYS D 91 -5.29 4.60 31.44
CA LYS D 91 -6.00 5.40 32.42
C LYS D 91 -7.45 5.62 32.00
N SER D 92 -7.79 5.22 30.78
CA SER D 92 -9.09 5.54 30.23
C SER D 92 -10.13 4.46 30.52
N THR D 93 -11.36 4.91 30.61
CA THR D 93 -12.46 4.02 30.84
C THR D 93 -13.28 3.90 29.57
N LEU D 94 -12.95 4.69 28.55
CA LEU D 94 -13.69 4.68 27.26
C LEU D 94 -13.15 3.71 26.21
N ARG D 95 -14.04 3.03 25.51
CA ARG D 95 -13.65 2.05 24.51
C ARG D 95 -14.04 2.44 23.09
N ILE D 96 -13.20 2.05 22.16
CA ILE D 96 -13.47 2.13 20.73
C ILE D 96 -13.70 0.72 20.23
N ALA D 97 -14.66 0.56 19.32
CA ALA D 97 -14.94 -0.74 18.75
C ALA D 97 -14.88 -0.73 17.22
N ILE D 98 -14.29 -1.76 16.64
CA ILE D 98 -14.30 -1.97 15.21
C ILE D 98 -15.07 -3.25 14.96
N SER D 99 -16.28 -3.11 14.42
CA SER D 99 -17.16 -4.26 14.30
C SER D 99 -17.49 -4.53 12.85
N CYS D 100 -17.63 -5.80 12.52
CA CYS D 100 -17.90 -6.18 11.15
C CYS D 100 -18.97 -7.29 11.10
N CYS D 101 -20.01 -7.04 10.31
CA CYS D 101 -21.03 -8.05 10.06
C CYS D 101 -20.72 -8.75 8.75
N VAL D 102 -20.77 -10.09 8.79
CA VAL D 102 -20.59 -10.92 7.60
C VAL D 102 -21.50 -12.15 7.70
N THR D 103 -22.01 -12.61 6.56
CA THR D 103 -22.93 -13.74 6.54
C THR D 103 -22.40 -14.82 7.48
N ASP D 104 -23.30 -15.49 8.16
CA ASP D 104 -22.92 -16.48 9.15
C ASP D 104 -22.16 -17.66 8.56
N ASP D 105 -22.24 -17.80 7.26
CA ASP D 105 -21.55 -18.82 6.47
C ASP D 105 -20.02 -18.73 6.53
N VAL D 106 -19.51 -17.56 6.90
CA VAL D 106 -18.07 -17.25 6.85
C VAL D 106 -17.29 -17.75 8.10
N LEU D 107 -18.03 -18.12 9.14
CA LEU D 107 -17.43 -18.48 10.43
C LEU D 107 -16.28 -19.49 10.37
N PRO D 108 -16.41 -20.57 9.58
CA PRO D 108 -15.26 -21.48 9.55
C PRO D 108 -13.97 -20.81 9.00
N VAL D 109 -14.12 -19.98 7.98
CA VAL D 109 -12.99 -19.28 7.38
C VAL D 109 -12.48 -18.16 8.32
N LEU D 110 -13.40 -17.41 8.92
CA LEU D 110 -13.04 -16.37 9.87
C LEU D 110 -12.16 -16.94 10.97
N THR D 111 -12.50 -18.12 11.47
CA THR D 111 -11.76 -18.71 12.58
C THR D 111 -10.45 -19.38 12.13
N GLU D 112 -10.42 -19.95 10.94
CA GLU D 112 -9.19 -20.52 10.40
C GLU D 112 -8.17 -19.44 10.07
N CYS D 113 -8.66 -18.30 9.60
CA CYS D 113 -7.80 -17.20 9.21
C CYS D 113 -7.59 -16.18 10.33
N TRP D 114 -8.08 -16.49 11.53
CA TRP D 114 -8.06 -15.51 12.62
C TRP D 114 -6.67 -14.92 12.94
N PRO D 115 -5.60 -15.73 12.95
CA PRO D 115 -4.32 -15.06 13.25
C PRO D 115 -3.96 -13.95 12.26
N HIS D 116 -4.32 -14.12 10.99
CA HIS D 116 -4.10 -13.07 9.98
C HIS D 116 -5.00 -11.90 10.26
N ILE D 117 -6.27 -12.18 10.52
CA ILE D 117 -7.27 -11.15 10.73
C ILE D 117 -6.94 -10.31 11.99
N SER D 118 -6.60 -10.99 13.08
CA SER D 118 -6.22 -10.32 14.33
C SER D 118 -5.03 -9.36 14.14
N SER D 119 -4.06 -9.79 13.35
CA SER D 119 -2.89 -8.96 13.03
C SER D 119 -3.29 -7.71 12.22
N PHE D 120 -4.19 -7.84 11.25
CA PHE D 120 -4.66 -6.66 10.50
C PHE D 120 -5.46 -5.73 11.42
N LEU D 121 -6.21 -6.32 12.35
CA LEU D 121 -6.99 -5.56 13.31
C LEU D 121 -6.10 -4.77 14.27
N ASP D 122 -4.96 -5.36 14.61
CA ASP D 122 -3.95 -4.66 15.41
C ASP D 122 -3.52 -3.36 14.70
N GLN D 123 -3.30 -3.42 13.39
CA GLN D 123 -2.94 -2.21 12.62
C GLN D 123 -4.08 -1.19 12.65
N CYS D 124 -5.31 -1.66 12.51
CA CYS D 124 -6.48 -0.80 12.60
C CYS D 124 -6.59 -0.12 13.96
N GLU D 125 -6.41 -0.90 15.01
CA GLU D 125 -6.42 -0.33 16.36
C GLU D 125 -5.34 0.74 16.55
N ASN D 126 -4.10 0.42 16.19
CA ASN D 126 -3.00 1.38 16.28
C ASN D 126 -3.19 2.66 15.47
N THR D 127 -3.82 2.56 14.30
CA THR D 127 -4.00 3.73 13.46
C THR D 127 -5.01 4.68 14.14
N LEU D 128 -6.09 4.13 14.68
CA LEU D 128 -7.07 4.98 15.37
C LEU D 128 -6.46 5.63 16.62
N LEU D 129 -5.65 4.88 17.35
CA LEU D 129 -5.01 5.41 18.56
C LEU D 129 -4.04 6.54 18.19
N LYS D 130 -3.39 6.43 17.03
CA LYS D 130 -2.52 7.49 16.51
C LYS D 130 -3.29 8.77 16.16
N TYR D 131 -4.47 8.65 15.60
CA TYR D 131 -5.27 9.80 15.36
C TYR D 131 -5.56 10.51 16.67
N LEU D 132 -5.92 9.76 17.68
CA LEU D 132 -6.24 10.36 18.98
C LEU D 132 -5.02 11.05 19.60
N ALA D 133 -3.86 10.40 19.53
CA ALA D 133 -2.61 11.02 20.01
C ALA D 133 -2.25 12.27 19.20
N LYS D 134 -2.37 12.21 17.88
CA LYS D 134 -2.09 13.35 16.99
C LYS D 134 -2.89 14.60 17.32
N ASN D 135 -4.18 14.42 17.57
CA ASN D 135 -5.08 15.55 17.75
C ASN D 135 -5.39 15.82 19.21
N ASP D 136 -4.70 15.12 20.11
CA ASP D 136 -4.88 15.30 21.55
C ASP D 136 -6.35 15.27 22.01
N THR D 137 -7.09 14.27 21.52
CA THR D 137 -8.53 14.15 21.81
C THR D 137 -8.84 12.75 22.32
N GLN D 138 -10.03 12.60 22.91
CA GLN D 138 -10.58 11.32 23.27
C GLN D 138 -11.58 10.83 22.22
N PHE D 139 -11.88 11.66 21.25
CA PHE D 139 -12.99 11.36 20.36
C PHE D 139 -12.59 11.26 18.90
N LEU D 140 -13.05 10.21 18.25
CA LEU D 140 -12.87 10.08 16.81
C LEU D 140 -13.83 11.08 16.15
N PRO D 141 -13.53 11.55 14.95
CA PRO D 141 -14.42 12.50 14.30
C PRO D 141 -15.71 11.87 13.79
N HIS D 142 -16.83 12.56 13.91
CA HIS D 142 -18.11 12.05 13.42
C HIS D 142 -18.33 12.19 11.91
N ASP D 143 -18.01 13.34 11.35
CA ASP D 143 -17.89 13.52 9.92
C ASP D 143 -16.43 13.33 9.50
N TRP D 144 -16.02 12.08 9.39
CA TRP D 144 -14.64 11.75 9.12
C TRP D 144 -14.19 12.14 7.73
N LYS D 145 -15.06 11.96 6.76
CA LYS D 145 -14.77 12.34 5.37
C LYS D 145 -14.55 13.84 5.22
N ALA D 146 -15.45 14.65 5.78
CA ALA D 146 -15.33 16.09 5.69
C ALA D 146 -14.05 16.58 6.33
N ARG D 147 -13.67 15.92 7.43
CA ARG D 147 -12.48 16.26 8.19
C ARG D 147 -11.23 15.65 7.57
N ASN D 148 -11.43 14.76 6.59
CA ASN D 148 -10.33 14.09 5.90
C ASN D 148 -9.52 13.21 6.84
N CYS D 149 -10.19 12.51 7.76
CA CYS D 149 -9.49 11.71 8.71
C CYS D 149 -8.89 10.45 8.06
N ILE D 150 -7.57 10.47 7.91
CA ILE D 150 -6.80 9.43 7.23
C ILE D 150 -6.85 8.08 7.95
N GLU D 151 -6.88 8.15 9.28
CA GLU D 151 -6.86 6.95 10.09
C GLU D 151 -8.13 6.13 9.97
N VAL D 152 -9.29 6.79 9.91
CA VAL D 152 -10.55 6.09 9.70
C VAL D 152 -10.60 5.46 8.30
N ALA D 153 -10.11 6.18 7.30
CA ALA D 153 -10.07 5.65 5.93
C ALA D 153 -9.20 4.40 5.83
N ALA D 154 -8.09 4.40 6.56
CA ALA D 154 -7.17 3.27 6.60
C ALA D 154 -7.85 2.02 7.15
N VAL D 155 -8.69 2.18 8.16
CA VAL D 155 -9.42 1.05 8.71
C VAL D 155 -10.36 0.47 7.64
N LEU D 156 -11.09 1.36 6.97
CA LEU D 156 -11.99 0.92 5.90
C LEU D 156 -11.19 0.17 4.82
N GLN D 157 -10.04 0.70 4.46
CA GLN D 157 -9.23 0.09 3.45
C GLN D 157 -8.64 -1.22 3.87
N THR D 158 -8.30 -1.36 5.13
CA THR D 158 -7.81 -2.64 5.63
C THR D 158 -8.90 -3.70 5.46
N PHE D 159 -10.14 -3.31 5.73
CA PHE D 159 -11.21 -4.26 5.51
C PHE D 159 -11.46 -4.55 4.02
N GLN D 160 -11.49 -3.52 3.19
CA GLN D 160 -11.80 -3.70 1.78
C GLN D 160 -10.72 -4.50 1.08
N ARG D 161 -9.48 -4.21 1.43
CA ARG D 161 -8.33 -4.79 0.73
C ARG D 161 -7.66 -5.99 1.38
N LYS D 162 -7.80 -6.17 2.69
CA LYS D 162 -7.09 -7.26 3.35
C LYS D 162 -7.99 -8.28 4.00
N ILE D 163 -8.84 -7.80 4.91
CA ILE D 163 -9.65 -8.69 5.72
C ILE D 163 -10.76 -9.39 4.92
N ILE D 164 -11.58 -8.63 4.24
CA ILE D 164 -12.71 -9.21 3.53
C ILE D 164 -12.25 -10.11 2.35
N PRO D 165 -11.22 -9.71 1.59
CA PRO D 165 -10.72 -10.66 0.58
C PRO D 165 -10.28 -12.03 1.12
N LEU D 166 -9.64 -12.08 2.28
CA LEU D 166 -9.24 -13.36 2.86
C LEU D 166 -10.48 -14.19 3.19
N LEU D 167 -11.59 -13.51 3.44
CA LEU D 167 -12.81 -14.22 3.78
C LEU D 167 -13.58 -14.54 2.50
N SER D 168 -12.91 -14.32 1.36
CA SER D 168 -13.46 -14.55 0.02
C SER D 168 -14.74 -13.75 -0.18
#